data_4KRV
#
_entry.id   4KRV
#
_cell.length_a   49.282
_cell.length_b   88.903
_cell.length_c   139.734
_cell.angle_alpha   90.00
_cell.angle_beta   90.00
_cell.angle_gamma   90.00
#
_symmetry.space_group_name_H-M   'P 21 21 21'
#
loop_
_entity.id
_entity.type
_entity.pdbx_description
1 polymer 'Beta-1,4-galactosyltransferase 1'
2 non-polymer 'MANGANESE (II) ION'
3 non-polymer "6-AMINOHEXYL-URIDINE-C1,5'-DIPHOSPHATE"
4 non-polymer 2-acetamido-2-deoxy-6-O-sulfo-beta-D-glucopyranose
5 non-polymer 'SULFATE ION'
6 water water
#
_entity_poly.entity_id   1
_entity_poly.type   'polypeptide(L)'
_entity_poly.pdbx_seq_one_letter_code
;ASMTGGQQMGRGSSLTACPEESPLLVGPMLIEFNIPVDLKLVEQQNPKVKLGGRYTPMDCISPHKVAIIIPFRNRQEHLK
YWLYYLHPILQRQQLDYGIYVINQAGESMFNRAKLLNVGFKEALKDYDYNCFVFSDVDLIPMNDHNTYRCFSQPRHISVA
MDKFGFSLPYVQYFGGVSALSKQQFLSINGFPNNYWGWGGEDDDIYNRLAFRGMSVSRPNAVIGKTRHIRHSRDKKNEPN
PQRFDRIAHTKETMLSDGLNSLTYMVLEVQRYPLYTKITVDIGTPS
;
_entity_poly.pdbx_strand_id   A,B
#
# COMPACT_ATOMS: atom_id res chain seq x y z
N LEU A 15 -29.35 9.40 -2.69
CA LEU A 15 -29.40 8.16 -3.47
C LEU A 15 -30.21 7.10 -2.73
N THR A 16 -30.30 5.92 -3.34
CA THR A 16 -30.93 4.77 -2.70
C THR A 16 -30.14 3.51 -3.01
N ALA A 17 -30.48 2.41 -2.35
CA ALA A 17 -29.82 1.14 -2.64
C ALA A 17 -30.12 0.70 -4.07
N CYS A 18 -29.11 0.14 -4.71
CA CYS A 18 -29.24 -0.39 -6.07
C CYS A 18 -30.23 -1.55 -6.14
N PRO A 19 -31.04 -1.62 -7.22
CA PRO A 19 -32.04 -2.68 -7.39
C PRO A 19 -31.41 -4.07 -7.46
N GLU A 20 -32.14 -5.08 -6.99
CA GLU A 20 -31.65 -6.45 -6.95
C GLU A 20 -31.33 -6.95 -8.36
N GLU A 21 -32.06 -6.42 -9.35
CA GLU A 21 -31.73 -6.68 -10.74
C GLU A 21 -31.46 -5.37 -11.48
N SER A 22 -30.22 -5.20 -11.91
CA SER A 22 -29.81 -3.98 -12.62
C SER A 22 -30.55 -3.82 -13.93
N PRO A 23 -31.03 -2.60 -14.20
CA PRO A 23 -31.74 -2.29 -15.45
C PRO A 23 -30.79 -2.16 -16.64
N LEU A 24 -29.52 -2.46 -16.43
CA LEU A 24 -28.49 -2.28 -17.45
C LEU A 24 -28.13 -3.58 -18.16
N LEU A 25 -28.50 -4.71 -17.55
CA LEU A 25 -28.10 -6.03 -18.07
C LEU A 25 -28.64 -6.31 -19.47
N VAL A 26 -27.78 -6.79 -20.35
CA VAL A 26 -28.18 -7.12 -21.71
C VAL A 26 -28.38 -8.63 -21.90
N GLY A 27 -27.80 -9.42 -21.01
CA GLY A 27 -27.94 -10.87 -21.08
C GLY A 27 -26.77 -11.56 -21.74
N PRO A 28 -27.04 -12.39 -22.76
CA PRO A 28 -25.99 -13.17 -23.44
C PRO A 28 -25.07 -12.26 -24.25
N MET A 29 -23.78 -12.57 -24.23
CA MET A 29 -22.80 -11.73 -24.91
C MET A 29 -21.92 -12.55 -25.84
N LEU A 30 -21.45 -11.90 -26.91
CA LEU A 30 -20.54 -12.53 -27.85
C LEU A 30 -19.11 -12.30 -27.39
N ILE A 31 -18.44 -13.38 -26.98
CA ILE A 31 -17.09 -13.29 -26.44
C ILE A 31 -16.09 -13.99 -27.36
N GLU A 32 -15.15 -13.23 -27.91
CA GLU A 32 -14.07 -13.83 -28.69
C GLU A 32 -12.75 -13.07 -28.51
N PHE A 33 -11.65 -13.76 -28.78
CA PHE A 33 -10.33 -13.24 -28.43
C PHE A 33 -9.41 -13.02 -29.63
N ASN A 34 -10.00 -12.69 -30.78
CA ASN A 34 -9.21 -12.39 -31.96
C ASN A 34 -9.22 -10.90 -32.29
N ILE A 35 -10.25 -10.21 -31.81
CA ILE A 35 -10.40 -8.78 -32.02
C ILE A 35 -9.21 -7.99 -31.46
N PRO A 36 -8.74 -6.99 -32.22
CA PRO A 36 -7.63 -6.12 -31.75
C PRO A 36 -8.07 -5.25 -30.57
N VAL A 37 -7.43 -5.46 -29.42
CA VAL A 37 -7.77 -4.67 -28.24
C VAL A 37 -6.65 -3.72 -27.83
N ASP A 38 -7.04 -2.55 -27.37
CA ASP A 38 -6.09 -1.50 -27.02
C ASP A 38 -6.48 -0.91 -25.67
N LEU A 39 -5.55 -0.93 -24.71
CA LEU A 39 -5.82 -0.41 -23.37
C LEU A 39 -6.18 1.08 -23.40
N LYS A 40 -5.61 1.81 -24.34
CA LYS A 40 -5.99 3.20 -24.55
C LYS A 40 -7.44 3.27 -24.98
N LEU A 41 -7.82 2.40 -25.90
CA LEU A 41 -9.20 2.33 -26.39
C LEU A 41 -10.16 1.85 -25.30
N VAL A 42 -9.74 0.84 -24.53
CA VAL A 42 -10.54 0.36 -23.42
C VAL A 42 -10.77 1.47 -22.41
N GLU A 43 -9.73 2.22 -22.11
CA GLU A 43 -9.82 3.36 -21.21
C GLU A 43 -10.77 4.40 -21.76
N GLN A 44 -10.69 4.63 -23.08
CA GLN A 44 -11.54 5.61 -23.74
C GLN A 44 -13.00 5.14 -23.73
N GLN A 45 -13.21 3.84 -23.86
CA GLN A 45 -14.56 3.28 -23.85
C GLN A 45 -15.18 3.26 -22.46
N ASN A 46 -14.33 3.34 -21.43
CA ASN A 46 -14.82 3.34 -20.05
C ASN A 46 -14.34 4.56 -19.27
N PRO A 47 -14.90 5.73 -19.58
CA PRO A 47 -14.45 6.99 -18.95
C PRO A 47 -14.86 7.10 -17.49
N LYS A 48 -15.78 6.24 -17.04
CA LYS A 48 -16.24 6.29 -15.67
C LYS A 48 -15.34 5.47 -14.75
N VAL A 49 -14.48 4.64 -15.35
CA VAL A 49 -13.53 3.85 -14.57
C VAL A 49 -12.39 4.73 -14.08
N LYS A 50 -12.36 4.96 -12.77
CA LYS A 50 -11.36 5.82 -12.16
C LYS A 50 -10.01 5.11 -12.02
N LEU A 51 -9.00 5.88 -11.63
CA LEU A 51 -7.63 5.40 -11.51
C LEU A 51 -7.52 4.17 -10.61
N GLY A 52 -6.93 3.11 -11.13
CA GLY A 52 -6.74 1.89 -10.38
C GLY A 52 -7.81 0.85 -10.69
N GLY A 53 -8.65 1.16 -11.68
CA GLY A 53 -9.73 0.28 -12.05
C GLY A 53 -10.89 0.35 -11.08
N ARG A 54 -11.05 1.50 -10.43
CA ARG A 54 -12.13 1.70 -9.48
C ARG A 54 -13.37 2.24 -10.16
N TYR A 55 -14.54 1.73 -9.77
CA TYR A 55 -15.81 2.27 -10.24
C TYR A 55 -16.87 2.20 -9.14
N THR A 56 -17.75 3.20 -9.13
CA THR A 56 -18.87 3.25 -8.20
C THR A 56 -20.10 3.77 -8.93
N PRO A 57 -21.24 3.08 -8.80
CA PRO A 57 -22.49 3.55 -9.40
C PRO A 57 -22.83 4.96 -8.91
N MET A 58 -23.17 5.86 -9.83
CA MET A 58 -23.45 7.25 -9.48
C MET A 58 -24.82 7.45 -8.86
N ASP A 59 -25.82 6.71 -9.33
CA ASP A 59 -27.21 6.98 -8.97
C ASP A 59 -27.81 5.98 -8.00
N CYS A 60 -26.98 5.06 -7.51
CA CYS A 60 -27.44 4.14 -6.46
C CYS A 60 -26.28 3.63 -5.62
N ILE A 61 -26.58 3.27 -4.38
CA ILE A 61 -25.56 2.80 -3.45
C ILE A 61 -25.44 1.29 -3.53
N SER A 62 -24.30 0.82 -4.02
CA SER A 62 -24.04 -0.61 -4.07
C SER A 62 -23.66 -1.15 -2.69
N PRO A 63 -24.38 -2.16 -2.21
CA PRO A 63 -24.04 -2.78 -0.92
C PRO A 63 -22.83 -3.70 -1.08
N HIS A 64 -22.42 -3.92 -2.32
CA HIS A 64 -21.29 -4.80 -2.60
C HIS A 64 -20.02 -4.00 -2.95
N LYS A 65 -19.06 -4.03 -2.03
CA LYS A 65 -17.77 -3.42 -2.27
C LYS A 65 -16.79 -4.51 -2.66
N VAL A 66 -16.61 -4.72 -3.96
CA VAL A 66 -15.90 -5.89 -4.45
C VAL A 66 -14.47 -5.59 -4.92
N ALA A 67 -13.51 -6.29 -4.34
CA ALA A 67 -12.14 -6.27 -4.85
C ALA A 67 -11.94 -7.50 -5.71
N ILE A 68 -11.59 -7.27 -6.97
CA ILE A 68 -11.40 -8.37 -7.91
C ILE A 68 -9.92 -8.71 -8.05
N ILE A 69 -9.55 -9.88 -7.54
CA ILE A 69 -8.16 -10.28 -7.43
C ILE A 69 -7.74 -11.20 -8.58
N ILE A 70 -6.70 -10.80 -9.30
CA ILE A 70 -6.21 -11.58 -10.43
C ILE A 70 -4.76 -12.00 -10.22
N PRO A 71 -4.51 -13.32 -10.09
CA PRO A 71 -3.15 -13.86 -9.99
C PRO A 71 -2.48 -13.69 -11.34
N PHE A 72 -1.21 -13.27 -11.36
CA PHE A 72 -0.60 -12.83 -12.60
C PHE A 72 0.92 -13.05 -12.70
N ARG A 73 1.34 -13.53 -13.87
CA ARG A 73 2.74 -13.47 -14.29
C ARG A 73 2.83 -13.78 -15.78
N ASN A 74 3.37 -12.83 -16.54
CA ASN A 74 3.51 -12.97 -17.99
CA ASN A 74 3.51 -12.97 -17.99
C ASN A 74 2.21 -13.32 -18.70
N ARG A 75 1.16 -12.57 -18.40
CA ARG A 75 -0.15 -12.79 -19.02
C ARG A 75 -0.79 -11.47 -19.46
N GLN A 76 0.05 -10.54 -19.91
CA GLN A 76 -0.43 -9.21 -20.28
C GLN A 76 -1.45 -9.24 -21.42
N GLU A 77 -1.26 -10.14 -22.37
CA GLU A 77 -2.19 -10.26 -23.49
C GLU A 77 -3.56 -10.73 -23.04
N HIS A 78 -3.59 -11.73 -22.17
CA HIS A 78 -4.84 -12.22 -21.61
C HIS A 78 -5.53 -11.13 -20.81
N LEU A 79 -4.74 -10.41 -20.01
CA LEU A 79 -5.27 -9.34 -19.17
C LEU A 79 -5.94 -8.25 -20.00
N LYS A 80 -5.32 -7.92 -21.14
CA LYS A 80 -5.86 -6.89 -22.01
C LYS A 80 -7.29 -7.22 -22.45
N TYR A 81 -7.52 -8.49 -22.79
CA TYR A 81 -8.86 -8.93 -23.18
C TYR A 81 -9.80 -8.98 -21.98
N TRP A 82 -9.26 -9.37 -20.83
CA TRP A 82 -10.02 -9.42 -19.59
C TRP A 82 -10.60 -8.04 -19.26
N LEU A 83 -9.73 -7.04 -19.27
CA LEU A 83 -10.13 -5.66 -19.00
C LEU A 83 -11.14 -5.16 -20.02
N TYR A 84 -10.91 -5.49 -21.29
CA TYR A 84 -11.78 -5.07 -22.39
C TYR A 84 -13.21 -5.56 -22.21
N TYR A 85 -13.37 -6.75 -21.67
CA TYR A 85 -14.70 -7.32 -21.50
C TYR A 85 -15.30 -7.04 -20.12
N LEU A 86 -14.51 -7.20 -19.07
CA LEU A 86 -15.03 -7.12 -17.72
C LEU A 86 -15.49 -5.72 -17.29
N HIS A 87 -14.73 -4.69 -17.64
CA HIS A 87 -15.07 -3.33 -17.23
C HIS A 87 -16.49 -2.86 -17.63
N PRO A 88 -16.89 -3.10 -18.89
CA PRO A 88 -18.29 -2.77 -19.21
C PRO A 88 -19.27 -3.64 -18.41
N ILE A 89 -18.96 -4.93 -18.31
CA ILE A 89 -19.82 -5.88 -17.62
C ILE A 89 -20.02 -5.51 -16.16
N LEU A 90 -18.92 -5.23 -15.46
CA LEU A 90 -18.97 -4.92 -14.04
C LEU A 90 -19.72 -3.62 -13.74
N GLN A 91 -19.65 -2.67 -14.67
CA GLN A 91 -20.37 -1.41 -14.51
C GLN A 91 -21.87 -1.62 -14.69
N ARG A 92 -22.24 -2.46 -15.65
CA ARG A 92 -23.64 -2.77 -15.86
C ARG A 92 -24.24 -3.52 -14.68
N GLN A 93 -23.37 -4.17 -13.90
CA GLN A 93 -23.81 -4.92 -12.74
C GLN A 93 -23.96 -4.03 -11.50
N GLN A 94 -23.68 -2.74 -11.67
CA GLN A 94 -23.82 -1.75 -10.61
C GLN A 94 -23.05 -2.13 -9.35
N LEU A 95 -21.77 -2.45 -9.53
CA LEU A 95 -20.92 -2.86 -8.41
C LEU A 95 -19.90 -1.79 -8.07
N ASP A 96 -19.64 -1.61 -6.79
CA ASP A 96 -18.57 -0.73 -6.33
C ASP A 96 -17.28 -1.54 -6.26
N TYR A 97 -16.53 -1.54 -7.36
CA TYR A 97 -15.40 -2.46 -7.49
C TYR A 97 -14.05 -1.80 -7.77
N GLY A 98 -12.99 -2.60 -7.63
CA GLY A 98 -11.64 -2.21 -7.98
C GLY A 98 -10.91 -3.43 -8.50
N ILE A 99 -10.00 -3.22 -9.46
CA ILE A 99 -9.29 -4.33 -10.07
C ILE A 99 -7.86 -4.44 -9.54
N TYR A 100 -7.50 -5.62 -9.05
CA TYR A 100 -6.17 -5.84 -8.50
C TYR A 100 -5.45 -7.00 -9.20
N VAL A 101 -4.34 -6.67 -9.85
CA VAL A 101 -3.51 -7.65 -10.52
C VAL A 101 -2.26 -7.91 -9.69
N ILE A 102 -2.20 -9.07 -9.06
CA ILE A 102 -1.11 -9.41 -8.15
C ILE A 102 0.02 -10.11 -8.90
N ASN A 103 1.06 -9.35 -9.23
CA ASN A 103 2.16 -9.84 -10.05
C ASN A 103 3.24 -10.54 -9.23
N GLN A 104 3.47 -11.82 -9.50
CA GLN A 104 4.50 -12.56 -8.79
C GLN A 104 5.87 -12.30 -9.41
N ALA A 105 6.76 -11.69 -8.63
CA ALA A 105 8.12 -11.43 -9.07
C ALA A 105 8.95 -12.70 -9.02
N GLY A 106 10.06 -12.70 -9.75
CA GLY A 106 10.97 -13.84 -9.75
C GLY A 106 10.59 -14.91 -10.76
N GLU A 107 11.39 -15.97 -10.82
CA GLU A 107 11.17 -17.05 -11.78
C GLU A 107 10.90 -18.37 -11.09
N SER A 108 10.53 -18.31 -9.82
CA SER A 108 10.22 -19.51 -9.05
C SER A 108 8.89 -20.11 -9.48
N MET A 109 8.53 -21.24 -8.88
CA MET A 109 7.29 -21.92 -9.20
C MET A 109 6.09 -21.02 -8.92
N PHE A 110 5.10 -21.04 -9.81
CA PHE A 110 3.94 -20.17 -9.68
C PHE A 110 3.04 -20.60 -8.54
N ASN A 111 2.54 -19.62 -7.78
CA ASN A 111 1.69 -19.91 -6.63
C ASN A 111 0.40 -19.10 -6.69
N ARG A 112 -0.60 -19.65 -7.37
CA ARG A 112 -1.86 -18.97 -7.58
C ARG A 112 -2.57 -18.59 -6.29
N ALA A 113 -2.62 -19.52 -5.35
CA ALA A 113 -3.36 -19.30 -4.10
C ALA A 113 -2.71 -18.26 -3.20
N LYS A 114 -1.38 -18.24 -3.16
CA LYS A 114 -0.68 -17.27 -2.33
C LYS A 114 -0.86 -15.86 -2.87
N LEU A 115 -0.89 -15.75 -4.19
CA LEU A 115 -1.12 -14.47 -4.86
C LEU A 115 -2.50 -13.93 -4.47
N LEU A 116 -3.47 -14.83 -4.38
CA LEU A 116 -4.83 -14.45 -4.00
C LEU A 116 -4.89 -13.91 -2.57
N ASN A 117 -4.17 -14.57 -1.66
CA ASN A 117 -4.06 -14.09 -0.28
C ASN A 117 -3.48 -12.67 -0.22
N VAL A 118 -2.43 -12.44 -1.00
CA VAL A 118 -1.80 -11.13 -1.06
C VAL A 118 -2.82 -10.07 -1.49
N GLY A 119 -3.55 -10.38 -2.56
CA GLY A 119 -4.58 -9.48 -3.07
C GLY A 119 -5.62 -9.12 -2.03
N PHE A 120 -6.01 -10.09 -1.22
CA PHE A 120 -6.98 -9.87 -0.15
C PHE A 120 -6.49 -8.83 0.84
N LYS A 121 -5.30 -9.05 1.39
CA LYS A 121 -4.73 -8.14 2.39
C LYS A 121 -4.43 -6.77 1.80
N GLU A 122 -3.82 -6.75 0.62
CA GLU A 122 -3.43 -5.50 -0.02
C GLU A 122 -4.63 -4.63 -0.41
N ALA A 123 -5.68 -5.25 -0.93
CA ALA A 123 -6.88 -4.52 -1.32
C ALA A 123 -7.56 -3.91 -0.10
N LEU A 124 -7.51 -4.62 1.03
CA LEU A 124 -8.07 -4.11 2.28
C LEU A 124 -7.33 -2.87 2.76
N LYS A 125 -6.06 -2.75 2.37
CA LYS A 125 -5.27 -1.58 2.73
C LYS A 125 -5.71 -0.33 1.94
N ASP A 126 -6.43 -0.54 0.84
CA ASP A 126 -6.86 0.57 -0.01
C ASP A 126 -8.27 1.05 0.30
N TYR A 127 -9.16 0.12 0.64
CA TYR A 127 -10.57 0.41 0.71
C TYR A 127 -11.25 -0.70 1.53
N ASP A 128 -12.30 -0.36 2.26
CA ASP A 128 -12.96 -1.35 3.09
C ASP A 128 -13.89 -2.26 2.27
N TYR A 129 -13.27 -3.07 1.41
CA TYR A 129 -14.03 -4.06 0.65
C TYR A 129 -14.68 -5.05 1.60
N ASN A 130 -15.87 -5.53 1.22
CA ASN A 130 -16.57 -6.53 2.00
C ASN A 130 -16.75 -7.81 1.22
N CYS A 131 -16.32 -7.77 -0.04
CA CYS A 131 -16.48 -8.89 -0.95
C CYS A 131 -15.23 -9.04 -1.80
N PHE A 132 -14.83 -10.28 -2.07
CA PHE A 132 -13.62 -10.53 -2.85
C PHE A 132 -13.85 -11.57 -3.92
N VAL A 133 -13.71 -11.14 -5.18
CA VAL A 133 -13.81 -12.04 -6.32
C VAL A 133 -12.41 -12.43 -6.76
N PHE A 134 -12.15 -13.73 -6.80
CA PHE A 134 -10.85 -14.24 -7.23
C PHE A 134 -11.00 -14.84 -8.63
N SER A 135 -10.41 -14.18 -9.61
CA SER A 135 -10.60 -14.56 -11.01
C SER A 135 -9.30 -14.78 -11.76
N ASP A 136 -9.20 -15.92 -12.43
CA ASP A 136 -8.10 -16.17 -13.34
C ASP A 136 -8.13 -15.14 -14.46
N VAL A 137 -6.96 -14.79 -14.97
CA VAL A 137 -6.81 -13.75 -15.97
C VAL A 137 -7.42 -14.16 -17.32
N ASP A 138 -7.71 -15.44 -17.49
CA ASP A 138 -8.15 -15.96 -18.78
C ASP A 138 -9.63 -16.38 -18.85
N LEU A 139 -10.43 -15.94 -17.87
CA LEU A 139 -11.85 -16.27 -17.86
C LEU A 139 -12.74 -15.06 -18.10
N ILE A 140 -13.67 -15.20 -19.04
CA ILE A 140 -14.61 -14.14 -19.38
C ILE A 140 -16.03 -14.67 -19.37
N PRO A 141 -16.90 -14.07 -18.54
CA PRO A 141 -18.30 -14.50 -18.47
C PRO A 141 -19.05 -14.15 -19.76
N MET A 142 -19.97 -15.01 -20.16
CA MET A 142 -20.72 -14.81 -21.41
C MET A 142 -22.10 -14.23 -21.18
N ASN A 143 -22.45 -14.03 -19.91
CA ASN A 143 -23.73 -13.44 -19.57
C ASN A 143 -23.59 -12.52 -18.36
N ASP A 144 -24.01 -11.26 -18.51
CA ASP A 144 -23.81 -10.27 -17.45
C ASP A 144 -24.73 -10.46 -16.23
N HIS A 145 -25.58 -11.49 -16.27
CA HIS A 145 -26.38 -11.83 -15.10
C HIS A 145 -25.58 -12.66 -14.10
N ASN A 146 -24.41 -13.12 -14.54
CA ASN A 146 -23.49 -13.83 -13.65
C ASN A 146 -22.74 -12.80 -12.79
N THR A 147 -23.39 -12.37 -11.71
CA THR A 147 -22.93 -11.23 -10.93
C THR A 147 -21.61 -11.49 -10.21
N TYR A 148 -20.63 -10.63 -10.45
CA TYR A 148 -19.34 -10.74 -9.81
C TYR A 148 -19.38 -10.13 -8.42
N ARG A 149 -20.12 -10.77 -7.52
CA ARG A 149 -20.28 -10.29 -6.15
C ARG A 149 -20.34 -11.46 -5.17
N CYS A 150 -20.56 -11.14 -3.90
CA CYS A 150 -20.62 -12.16 -2.86
C CYS A 150 -22.05 -12.47 -2.44
N PHE A 151 -22.25 -13.69 -1.97
CA PHE A 151 -23.58 -14.17 -1.59
C PHE A 151 -23.57 -14.69 -0.15
N SER A 152 -24.70 -15.18 0.32
CA SER A 152 -24.80 -15.68 1.69
C SER A 152 -23.94 -16.91 1.91
N GLN A 153 -23.59 -17.58 0.81
CA GLN A 153 -22.67 -18.70 0.84
C GLN A 153 -21.51 -18.41 -0.12
N PRO A 154 -20.37 -19.10 0.06
CA PRO A 154 -19.25 -18.96 -0.87
C PRO A 154 -19.72 -19.18 -2.30
N ARG A 155 -19.34 -18.28 -3.20
CA ARG A 155 -19.87 -18.28 -4.56
C ARG A 155 -18.85 -18.79 -5.57
N HIS A 156 -19.27 -19.74 -6.40
CA HIS A 156 -18.45 -20.18 -7.53
C HIS A 156 -19.04 -19.61 -8.82
N ILE A 157 -18.21 -18.88 -9.57
CA ILE A 157 -18.70 -18.10 -10.69
C ILE A 157 -18.51 -18.75 -12.07
N SER A 158 -17.32 -19.27 -12.33
CA SER A 158 -17.05 -19.90 -13.62
C SER A 158 -17.53 -21.35 -13.66
N VAL A 159 -18.84 -21.52 -13.69
CA VAL A 159 -19.47 -22.83 -13.50
C VAL A 159 -19.73 -23.61 -14.79
N ALA A 160 -19.76 -22.90 -15.91
CA ALA A 160 -20.05 -23.54 -17.20
C ALA A 160 -19.05 -23.10 -18.25
N MET A 161 -17.79 -23.43 -18.03
CA MET A 161 -16.72 -23.03 -18.94
C MET A 161 -16.75 -23.84 -20.23
N ASP A 162 -16.39 -23.20 -21.34
CA ASP A 162 -16.41 -23.86 -22.64
C ASP A 162 -15.42 -25.04 -22.69
N LYS A 163 -14.30 -24.92 -21.99
CA LYS A 163 -13.30 -25.98 -22.01
C LYS A 163 -13.72 -27.19 -21.18
N PHE A 164 -14.88 -27.08 -20.53
CA PHE A 164 -15.46 -28.20 -19.80
C PHE A 164 -16.84 -28.55 -20.37
N GLY A 165 -17.04 -28.18 -21.63
CA GLY A 165 -18.31 -28.45 -22.30
C GLY A 165 -19.47 -27.72 -21.68
N PHE A 166 -19.21 -26.51 -21.17
CA PHE A 166 -20.23 -25.69 -20.53
C PHE A 166 -20.93 -26.38 -19.36
N SER A 167 -20.14 -27.09 -18.55
CA SER A 167 -20.66 -27.72 -17.35
C SER A 167 -19.55 -27.80 -16.31
N LEU A 168 -19.89 -28.29 -15.12
CA LEU A 168 -18.89 -28.54 -14.09
C LEU A 168 -18.17 -29.85 -14.37
N PRO A 169 -16.82 -29.82 -14.36
CA PRO A 169 -16.03 -31.05 -14.51
C PRO A 169 -16.29 -32.00 -13.35
N TYR A 170 -16.55 -31.41 -12.17
CA TYR A 170 -16.98 -32.15 -10.99
C TYR A 170 -17.60 -31.19 -9.98
N VAL A 171 -18.47 -31.71 -9.13
CA VAL A 171 -19.27 -30.87 -8.24
C VAL A 171 -18.43 -30.08 -7.23
N GLN A 172 -17.21 -30.53 -6.97
CA GLN A 172 -16.33 -29.85 -6.02
C GLN A 172 -15.40 -28.84 -6.70
N TYR A 173 -15.54 -28.67 -8.00
CA TYR A 173 -14.67 -27.77 -8.75
C TYR A 173 -14.88 -26.31 -8.35
N PHE A 174 -13.85 -25.69 -7.81
CA PHE A 174 -13.93 -24.33 -7.29
C PHE A 174 -12.89 -23.42 -7.94
N GLY A 175 -12.30 -23.90 -9.04
CA GLY A 175 -11.31 -23.13 -9.76
C GLY A 175 -11.91 -22.09 -10.69
N GLY A 176 -11.05 -21.30 -11.31
CA GLY A 176 -11.48 -20.32 -12.29
C GLY A 176 -11.84 -18.98 -11.67
N VAL A 177 -13.13 -18.78 -11.42
CA VAL A 177 -13.62 -17.53 -10.84
C VAL A 177 -14.53 -17.83 -9.66
N SER A 178 -14.28 -17.19 -8.53
CA SER A 178 -15.09 -17.40 -7.33
C SER A 178 -15.14 -16.13 -6.48
N ALA A 179 -16.05 -16.11 -5.52
CA ALA A 179 -16.22 -14.94 -4.66
C ALA A 179 -16.50 -15.33 -3.22
N LEU A 180 -15.71 -14.80 -2.29
CA LEU A 180 -15.96 -14.97 -0.87
C LEU A 180 -16.12 -13.61 -0.22
N SER A 181 -17.09 -13.50 0.69
CA SER A 181 -17.23 -12.30 1.48
C SER A 181 -16.04 -12.24 2.43
N LYS A 182 -15.81 -11.07 3.03
CA LYS A 182 -14.71 -10.89 3.95
C LYS A 182 -14.75 -11.90 5.09
N GLN A 183 -15.94 -12.08 5.65
CA GLN A 183 -16.12 -13.00 6.77
C GLN A 183 -15.98 -14.46 6.36
N GLN A 184 -16.47 -14.81 5.18
CA GLN A 184 -16.30 -16.14 4.63
C GLN A 184 -14.83 -16.48 4.44
N PHE A 185 -14.09 -15.52 3.89
CA PHE A 185 -12.66 -15.69 3.64
C PHE A 185 -11.89 -15.86 4.94
N LEU A 186 -12.14 -14.98 5.90
CA LEU A 186 -11.49 -15.05 7.20
C LEU A 186 -11.82 -16.35 7.91
N SER A 187 -13.04 -16.83 7.70
CA SER A 187 -13.54 -18.04 8.35
C SER A 187 -12.65 -19.27 8.11
N ILE A 188 -12.10 -19.38 6.90
CA ILE A 188 -11.28 -20.53 6.55
C ILE A 188 -9.78 -20.22 6.62
N ASN A 189 -9.42 -19.16 7.33
CA ASN A 189 -8.04 -18.68 7.38
C ASN A 189 -7.50 -18.39 5.97
N GLY A 190 -8.40 -17.92 5.10
CA GLY A 190 -8.03 -17.62 3.74
C GLY A 190 -7.61 -18.84 2.95
N PHE A 191 -6.70 -18.63 2.01
CA PHE A 191 -6.28 -19.69 1.10
C PHE A 191 -4.90 -20.22 1.51
N PRO A 192 -4.55 -21.44 1.05
CA PRO A 192 -3.22 -21.98 1.36
C PRO A 192 -2.09 -21.19 0.69
N ASN A 193 -0.90 -21.25 1.27
CA ASN A 193 0.28 -20.64 0.67
C ASN A 193 1.29 -21.69 0.23
N ASN A 194 1.05 -22.94 0.62
CA ASN A 194 2.01 -24.01 0.42
C ASN A 194 1.82 -24.83 -0.87
N TYR A 195 0.91 -24.38 -1.73
CA TYR A 195 0.70 -25.04 -3.01
C TYR A 195 1.51 -24.36 -4.11
N TRP A 196 2.67 -24.93 -4.44
CA TRP A 196 3.51 -24.39 -5.50
C TRP A 196 3.39 -25.21 -6.77
N GLY A 197 3.15 -24.53 -7.89
CA GLY A 197 2.91 -25.22 -9.15
C GLY A 197 1.42 -25.37 -9.39
N TRP A 198 1.06 -26.02 -10.48
CA TRP A 198 -0.33 -26.12 -10.90
C TRP A 198 -1.11 -27.20 -10.14
N GLY A 199 -2.39 -26.93 -9.90
CA GLY A 199 -3.32 -27.95 -9.45
C GLY A 199 -3.52 -28.08 -7.95
N GLY A 200 -4.75 -28.45 -7.58
CA GLY A 200 -5.04 -28.85 -6.21
C GLY A 200 -5.38 -27.74 -5.24
N GLU A 201 -4.92 -26.53 -5.51
CA GLU A 201 -5.14 -25.45 -4.57
C GLU A 201 -6.62 -25.08 -4.48
N ASP A 202 -7.34 -25.24 -5.59
CA ASP A 202 -8.77 -24.96 -5.60
C ASP A 202 -9.56 -26.03 -4.87
N ASP A 203 -9.14 -27.28 -5.02
CA ASP A 203 -9.76 -28.38 -4.29
C ASP A 203 -9.53 -28.22 -2.80
N ASP A 204 -8.35 -27.75 -2.43
CA ASP A 204 -8.01 -27.51 -1.04
C ASP A 204 -8.94 -26.45 -0.45
N ILE A 205 -9.18 -25.40 -1.22
CA ILE A 205 -10.07 -24.31 -0.80
C ILE A 205 -11.49 -24.82 -0.61
N TYR A 206 -11.92 -25.73 -1.49
CA TYR A 206 -13.25 -26.32 -1.38
C TYR A 206 -13.36 -27.10 -0.07
N ASN A 207 -12.31 -27.85 0.25
CA ASN A 207 -12.26 -28.58 1.52
C ASN A 207 -12.43 -27.65 2.71
N ARG A 208 -11.78 -26.49 2.66
CA ARG A 208 -11.83 -25.52 3.75
C ARG A 208 -13.26 -25.03 3.99
N LEU A 209 -13.96 -24.73 2.90
CA LEU A 209 -15.33 -24.27 2.97
C LEU A 209 -16.24 -25.32 3.60
N ALA A 210 -16.02 -26.57 3.21
CA ALA A 210 -16.80 -27.69 3.72
C ALA A 210 -16.53 -27.91 5.21
N PHE A 211 -15.27 -27.81 5.60
CA PHE A 211 -14.87 -28.04 6.98
C PHE A 211 -15.38 -26.95 7.91
N ARG A 212 -15.61 -25.76 7.36
CA ARG A 212 -16.18 -24.66 8.13
C ARG A 212 -17.69 -24.61 7.98
N GLY A 213 -18.25 -25.65 7.35
CA GLY A 213 -19.68 -25.83 7.29
C GLY A 213 -20.43 -24.98 6.28
N MET A 214 -19.69 -24.43 5.31
CA MET A 214 -20.32 -23.62 4.27
C MET A 214 -20.62 -24.43 3.01
N SER A 215 -21.69 -24.07 2.33
CA SER A 215 -22.04 -24.70 1.06
C SER A 215 -21.64 -23.78 -0.08
N VAL A 216 -21.45 -24.35 -1.27
CA VAL A 216 -21.08 -23.54 -2.43
C VAL A 216 -22.31 -23.07 -3.20
N SER A 217 -22.40 -21.76 -3.39
CA SER A 217 -23.48 -21.18 -4.18
C SER A 217 -23.05 -21.05 -5.64
N ARG A 218 -23.94 -21.43 -6.56
CA ARG A 218 -23.64 -21.35 -7.98
C ARG A 218 -24.85 -20.85 -8.76
N PRO A 219 -24.60 -20.02 -9.78
CA PRO A 219 -25.64 -19.68 -10.75
C PRO A 219 -25.90 -20.90 -11.63
N ASN A 220 -27.01 -20.91 -12.36
CA ASN A 220 -27.28 -22.04 -13.25
C ASN A 220 -26.29 -22.11 -14.40
N ALA A 221 -26.33 -23.21 -15.15
CA ALA A 221 -25.38 -23.45 -16.23
C ALA A 221 -25.56 -22.51 -17.41
N VAL A 222 -26.74 -21.88 -17.49
CA VAL A 222 -27.05 -20.99 -18.61
C VAL A 222 -26.34 -19.64 -18.48
N ILE A 223 -26.52 -18.98 -17.34
CA ILE A 223 -25.91 -17.67 -17.14
C ILE A 223 -24.46 -17.78 -16.69
N GLY A 224 -24.07 -18.97 -16.23
CA GLY A 224 -22.71 -19.19 -15.77
C GLY A 224 -21.75 -19.63 -16.86
N LYS A 225 -22.16 -19.49 -18.12
CA LYS A 225 -21.30 -19.82 -19.24
C LYS A 225 -20.15 -18.83 -19.33
N THR A 226 -18.92 -19.33 -19.31
CA THR A 226 -17.75 -18.46 -19.44
C THR A 226 -16.77 -19.01 -20.47
N ARG A 227 -16.02 -18.12 -21.09
CA ARG A 227 -15.01 -18.53 -22.07
C ARG A 227 -13.63 -18.55 -21.45
N HIS A 228 -12.86 -19.58 -21.79
CA HIS A 228 -11.47 -19.67 -21.38
C HIS A 228 -10.57 -19.42 -22.59
N ILE A 229 -9.68 -18.44 -22.47
CA ILE A 229 -8.70 -18.20 -23.51
C ILE A 229 -7.78 -19.40 -23.57
N ARG A 230 -7.90 -20.19 -24.64
CA ARG A 230 -7.03 -21.36 -24.82
C ARG A 230 -5.57 -20.93 -24.84
N HIS A 231 -4.74 -21.64 -24.09
CA HIS A 231 -3.34 -21.29 -23.95
C HIS A 231 -2.53 -22.53 -23.59
N SER A 232 -1.21 -22.45 -23.79
CA SER A 232 -0.31 -23.52 -23.39
C SER A 232 0.15 -23.28 -21.96
N ARG A 233 0.78 -24.30 -21.37
CA ARG A 233 1.27 -24.19 -20.00
C ARG A 233 2.44 -23.22 -19.90
N ASP A 234 2.35 -22.28 -18.97
CA ASP A 234 3.46 -21.38 -18.71
C ASP A 234 4.59 -22.17 -18.06
N LYS A 235 5.82 -21.80 -18.36
CA LYS A 235 6.97 -22.38 -17.70
C LYS A 235 6.88 -22.02 -16.22
N LYS A 236 7.36 -22.93 -15.36
CA LYS A 236 7.31 -22.75 -13.91
C LYS A 236 5.89 -22.78 -13.34
N ASN A 237 4.98 -23.44 -14.04
CA ASN A 237 3.65 -23.75 -13.51
C ASN A 237 3.31 -25.20 -13.85
N GLU A 238 4.31 -26.07 -13.66
CA GLU A 238 4.14 -27.50 -13.93
C GLU A 238 3.32 -28.12 -12.82
N PRO A 239 2.58 -29.20 -13.14
CA PRO A 239 1.75 -29.91 -12.15
C PRO A 239 2.52 -30.25 -10.88
N ASN A 240 1.97 -29.83 -9.74
CA ASN A 240 2.57 -30.07 -8.45
C ASN A 240 2.34 -31.52 -8.02
N PRO A 241 3.41 -32.32 -7.91
CA PRO A 241 3.31 -33.72 -7.52
C PRO A 241 2.80 -33.90 -6.09
N GLN A 242 2.99 -32.89 -5.26
CA GLN A 242 2.60 -32.95 -3.86
C GLN A 242 1.12 -32.64 -3.62
N ARG A 243 0.41 -32.23 -4.67
CA ARG A 243 -0.94 -31.69 -4.50
C ARG A 243 -1.95 -32.70 -3.95
N PHE A 244 -1.78 -33.97 -4.30
CA PHE A 244 -2.72 -35.00 -3.87
C PHE A 244 -2.63 -35.22 -2.36
N ASP A 245 -1.42 -35.27 -1.84
CA ASP A 245 -1.21 -35.46 -0.41
C ASP A 245 -1.71 -34.28 0.39
N ARG A 246 -1.52 -33.07 -0.14
CA ARG A 246 -1.90 -31.86 0.57
C ARG A 246 -3.41 -31.73 0.70
N ILE A 247 -4.14 -32.11 -0.34
CA ILE A 247 -5.59 -32.08 -0.32
C ILE A 247 -6.14 -33.05 0.73
N ALA A 248 -5.44 -34.17 0.89
CA ALA A 248 -5.82 -35.17 1.88
C ALA A 248 -5.75 -34.63 3.30
N HIS A 249 -4.84 -33.69 3.54
CA HIS A 249 -4.60 -33.18 4.88
C HIS A 249 -4.99 -31.71 5.05
N THR A 250 -5.98 -31.27 4.28
CA THR A 250 -6.45 -29.89 4.36
C THR A 250 -7.00 -29.54 5.74
N LYS A 251 -7.75 -30.45 6.34
CA LYS A 251 -8.34 -30.22 7.65
C LYS A 251 -7.28 -29.97 8.73
N GLU A 252 -6.11 -30.56 8.56
CA GLU A 252 -5.02 -30.36 9.52
C GLU A 252 -4.23 -29.07 9.25
N THR A 253 -4.11 -28.71 7.98
CA THR A 253 -3.19 -27.65 7.59
C THR A 253 -3.83 -26.29 7.34
N MET A 254 -5.17 -26.25 7.27
CA MET A 254 -5.84 -24.99 6.92
C MET A 254 -5.72 -23.91 8.01
N LEU A 255 -5.42 -24.32 9.23
CA LEU A 255 -5.20 -23.36 10.29
C LEU A 255 -3.72 -23.04 10.46
N SER A 256 -2.86 -23.85 9.84
CA SER A 256 -1.42 -23.66 9.93
C SER A 256 -0.86 -23.07 8.64
N ASP A 257 -1.67 -23.08 7.58
CA ASP A 257 -1.26 -22.51 6.30
C ASP A 257 -2.35 -21.62 5.74
N GLY A 258 -2.11 -20.32 5.74
CA GLY A 258 -3.07 -19.37 5.21
C GLY A 258 -2.77 -17.94 5.62
N LEU A 259 -3.84 -17.19 5.90
CA LEU A 259 -3.74 -15.78 6.26
C LEU A 259 -2.84 -15.54 7.46
N ASN A 260 -2.95 -16.40 8.47
CA ASN A 260 -2.18 -16.24 9.69
C ASN A 260 -0.71 -16.61 9.56
N SER A 261 -0.33 -17.11 8.38
CA SER A 261 1.05 -17.50 8.13
C SER A 261 1.58 -16.89 6.83
N LEU A 262 0.79 -15.99 6.25
CA LEU A 262 1.17 -15.34 5.00
C LEU A 262 2.33 -14.36 5.19
N THR A 263 3.42 -14.60 4.48
CA THR A 263 4.55 -13.69 4.49
C THR A 263 4.89 -13.30 3.06
N TYR A 264 5.05 -12.00 2.82
CA TYR A 264 5.43 -11.52 1.50
C TYR A 264 6.07 -10.12 1.56
N MET A 265 6.59 -9.70 0.43
CA MET A 265 7.23 -8.39 0.31
C MET A 265 6.75 -7.69 -0.96
N VAL A 266 6.02 -6.60 -0.80
CA VAL A 266 5.60 -5.80 -1.94
C VAL A 266 6.81 -5.09 -2.54
N LEU A 267 7.15 -5.43 -3.78
CA LEU A 267 8.29 -4.83 -4.45
C LEU A 267 7.91 -3.57 -5.20
N GLU A 268 6.66 -3.50 -5.64
CA GLU A 268 6.22 -2.41 -6.50
C GLU A 268 4.71 -2.30 -6.59
N VAL A 269 4.22 -1.07 -6.67
CA VAL A 269 2.80 -0.81 -6.92
C VAL A 269 2.69 0.20 -8.07
N GLN A 270 1.83 -0.11 -9.02
CA GLN A 270 1.61 0.79 -10.15
C GLN A 270 0.11 0.99 -10.37
N ARG A 271 -0.32 2.25 -10.40
CA ARG A 271 -1.74 2.56 -10.57
C ARG A 271 -2.08 2.96 -11.99
N TYR A 272 -2.36 1.97 -12.83
CA TYR A 272 -2.81 2.21 -14.19
C TYR A 272 -4.29 2.61 -14.18
N PRO A 273 -4.76 3.26 -15.25
CA PRO A 273 -6.17 3.67 -15.32
C PRO A 273 -7.14 2.51 -15.08
N LEU A 274 -6.82 1.34 -15.62
CA LEU A 274 -7.77 0.23 -15.66
C LEU A 274 -7.56 -0.81 -14.56
N TYR A 275 -6.43 -0.73 -13.86
CA TYR A 275 -6.15 -1.67 -12.76
C TYR A 275 -4.98 -1.24 -11.90
N THR A 276 -4.92 -1.79 -10.69
CA THR A 276 -3.78 -1.61 -9.82
C THR A 276 -2.89 -2.86 -9.92
N LYS A 277 -1.62 -2.66 -10.23
CA LYS A 277 -0.68 -3.77 -10.33
C LYS A 277 0.26 -3.78 -9.13
N ILE A 278 0.28 -4.90 -8.42
CA ILE A 278 1.13 -5.03 -7.25
C ILE A 278 2.13 -6.17 -7.44
N THR A 279 3.39 -5.80 -7.66
CA THR A 279 4.44 -6.80 -7.83
C THR A 279 4.99 -7.23 -6.47
N VAL A 280 4.85 -8.51 -6.16
CA VAL A 280 5.24 -9.01 -4.85
C VAL A 280 6.24 -10.15 -4.91
N ASP A 281 7.07 -10.24 -3.86
CA ASP A 281 7.96 -11.37 -3.67
C ASP A 281 7.30 -12.28 -2.64
N ILE A 282 6.88 -13.46 -3.08
CA ILE A 282 6.16 -14.38 -2.22
C ILE A 282 7.00 -15.57 -1.79
N GLY A 283 8.32 -15.47 -2.01
CA GLY A 283 9.24 -16.49 -1.59
C GLY A 283 9.32 -17.66 -2.55
N THR A 284 9.91 -18.76 -2.09
CA THR A 284 10.14 -19.94 -2.92
C THR A 284 9.60 -21.19 -2.24
N PRO A 285 9.40 -22.28 -3.00
CA PRO A 285 9.02 -23.56 -2.39
C PRO A 285 10.07 -24.08 -1.42
N SER A 286 9.66 -24.97 -0.52
CA SER A 286 10.56 -25.59 0.44
C SER A 286 10.13 -27.01 0.75
N LEU B 15 17.48 -12.74 21.95
CA LEU B 15 18.17 -11.46 21.99
C LEU B 15 17.64 -10.61 23.15
N THR B 16 18.37 -9.54 23.47
CA THR B 16 17.97 -8.68 24.58
C THR B 16 17.83 -7.22 24.15
N ALA B 17 17.18 -6.41 24.99
CA ALA B 17 16.96 -5.00 24.69
C ALA B 17 18.28 -4.24 24.70
N CYS B 18 18.40 -3.27 23.79
CA CYS B 18 19.57 -2.40 23.75
C CYS B 18 19.43 -1.29 24.79
N PRO B 19 20.59 -0.84 25.32
CA PRO B 19 20.62 0.21 26.35
C PRO B 19 20.00 1.53 25.87
N GLU B 20 19.75 2.43 26.82
CA GLU B 20 19.19 3.74 26.50
C GLU B 20 20.18 4.54 25.67
N GLU B 21 21.46 4.30 25.94
CA GLU B 21 22.52 4.92 25.15
C GLU B 21 23.30 3.88 24.35
N SER B 22 23.36 4.08 23.04
CA SER B 22 24.13 3.20 22.18
C SER B 22 25.62 3.41 22.39
N PRO B 23 26.40 2.31 22.38
CA PRO B 23 27.86 2.41 22.51
C PRO B 23 28.53 2.79 21.20
N LEU B 24 27.74 2.84 20.13
CA LEU B 24 28.28 3.09 18.79
C LEU B 24 28.42 4.58 18.47
N LEU B 25 27.84 5.43 19.31
CA LEU B 25 27.84 6.87 19.06
C LEU B 25 29.24 7.47 18.99
N VAL B 26 29.36 8.59 18.30
CA VAL B 26 30.65 9.30 18.19
C VAL B 26 30.52 10.76 18.58
N GLY B 27 29.28 11.24 18.70
CA GLY B 27 29.03 12.64 19.04
C GLY B 27 29.01 13.54 17.83
N PRO B 28 29.70 14.69 17.91
CA PRO B 28 29.79 15.67 16.82
C PRO B 28 30.37 15.05 15.55
N MET B 29 29.83 15.44 14.40
CA MET B 29 30.28 14.90 13.12
C MET B 29 30.52 16.02 12.12
N LEU B 30 31.38 15.75 11.14
CA LEU B 30 31.64 16.70 10.06
C LEU B 30 30.64 16.49 8.94
N ILE B 31 29.89 17.53 8.60
CA ILE B 31 28.84 17.42 7.59
C ILE B 31 29.08 18.37 6.41
N GLU B 32 29.38 17.81 5.24
CA GLU B 32 29.65 18.60 4.04
C GLU B 32 28.66 18.31 2.92
N PHE B 33 28.38 19.33 2.11
CA PHE B 33 27.44 19.19 0.99
C PHE B 33 28.08 19.53 -0.34
N ASN B 34 29.40 19.32 -0.43
CA ASN B 34 30.13 19.54 -1.67
C ASN B 34 30.86 18.27 -2.11
N ILE B 35 30.19 17.13 -1.94
CA ILE B 35 30.78 15.84 -2.24
C ILE B 35 29.97 15.12 -3.33
N PRO B 36 30.67 14.52 -4.30
CA PRO B 36 29.99 13.62 -5.25
C PRO B 36 29.46 12.40 -4.52
N VAL B 37 28.18 12.40 -4.19
CA VAL B 37 27.56 11.28 -3.48
C VAL B 37 26.77 10.39 -4.42
N ASP B 38 27.16 9.13 -4.48
CA ASP B 38 26.47 8.14 -5.29
C ASP B 38 25.71 7.19 -4.37
N LEU B 39 24.45 6.89 -4.71
CA LEU B 39 23.65 6.00 -3.90
C LEU B 39 24.24 4.59 -3.86
N LYS B 40 24.92 4.20 -4.92
CA LYS B 40 25.59 2.91 -4.97
C LYS B 40 26.73 2.86 -3.95
N LEU B 41 27.37 4.00 -3.75
CA LEU B 41 28.40 4.13 -2.73
C LEU B 41 27.76 4.00 -1.35
N VAL B 42 26.69 4.76 -1.14
CA VAL B 42 25.95 4.72 0.12
C VAL B 42 25.47 3.31 0.41
N GLU B 43 25.09 2.60 -0.66
CA GLU B 43 24.62 1.23 -0.54
C GLU B 43 25.75 0.29 -0.15
N GLN B 44 26.95 0.55 -0.67
CA GLN B 44 28.11 -0.27 -0.34
C GLN B 44 28.55 0.01 1.09
N GLN B 45 28.44 1.26 1.51
CA GLN B 45 28.85 1.67 2.85
C GLN B 45 27.89 1.19 3.93
N ASN B 46 26.65 0.87 3.54
CA ASN B 46 25.66 0.36 4.47
C ASN B 46 25.04 -0.94 3.98
N PRO B 47 25.83 -2.02 3.96
CA PRO B 47 25.36 -3.30 3.40
C PRO B 47 24.28 -3.97 4.24
N LYS B 48 24.13 -3.55 5.49
CA LYS B 48 23.16 -4.18 6.39
C LYS B 48 21.77 -3.55 6.25
N VAL B 49 21.67 -2.49 5.47
CA VAL B 49 20.38 -1.86 5.20
C VAL B 49 19.63 -2.63 4.12
N LYS B 50 18.43 -3.09 4.46
CA LYS B 50 17.62 -3.90 3.55
C LYS B 50 16.82 -3.05 2.56
N LEU B 51 16.16 -3.72 1.63
CA LEU B 51 15.35 -3.07 0.60
C LEU B 51 14.30 -2.15 1.20
N GLY B 52 14.12 -0.97 0.62
CA GLY B 52 13.14 -0.02 1.11
C GLY B 52 13.67 0.84 2.24
N GLY B 53 14.97 0.71 2.52
CA GLY B 53 15.60 1.47 3.57
C GLY B 53 15.27 0.95 4.96
N ARG B 54 15.11 -0.37 5.07
CA ARG B 54 14.80 -1.00 6.34
C ARG B 54 16.06 -1.48 7.05
N TYR B 55 16.14 -1.24 8.35
CA TYR B 55 17.23 -1.76 9.16
C TYR B 55 16.73 -2.19 10.54
N THR B 56 17.20 -3.36 10.97
CA THR B 56 16.89 -3.88 12.30
C THR B 56 18.17 -4.41 12.95
N PRO B 57 18.46 -3.95 14.17
CA PRO B 57 19.69 -4.35 14.87
C PRO B 57 19.78 -5.87 15.05
N MET B 58 20.98 -6.42 14.90
CA MET B 58 21.19 -7.85 15.05
C MET B 58 21.88 -8.19 16.37
N ASP B 59 22.15 -7.16 17.17
CA ASP B 59 22.82 -7.36 18.45
C ASP B 59 21.94 -6.99 19.64
N CYS B 60 20.91 -6.19 19.38
CA CYS B 60 19.99 -5.77 20.44
C CYS B 60 18.57 -5.56 19.92
N ILE B 61 17.59 -5.54 20.82
CA ILE B 61 16.19 -5.37 20.44
C ILE B 61 15.70 -3.95 20.70
N SER B 62 15.59 -3.17 19.63
CA SER B 62 15.12 -1.80 19.74
C SER B 62 13.62 -1.73 20.05
N PRO B 63 13.26 -0.98 21.11
CA PRO B 63 11.84 -0.78 21.42
C PRO B 63 11.24 0.28 20.49
N HIS B 64 12.10 0.90 19.70
CA HIS B 64 11.68 1.95 18.78
C HIS B 64 11.59 1.42 17.36
N LYS B 65 10.37 1.23 16.88
CA LYS B 65 10.13 0.89 15.49
C LYS B 65 9.79 2.17 14.75
N VAL B 66 10.80 2.79 14.15
CA VAL B 66 10.68 4.16 13.67
C VAL B 66 10.50 4.25 12.15
N ALA B 67 9.42 4.90 11.73
CA ALA B 67 9.24 5.22 10.33
C ALA B 67 9.70 6.65 10.10
N ILE B 68 10.62 6.85 9.18
CA ILE B 68 11.12 8.18 8.88
C ILE B 68 10.49 8.71 7.61
N ILE B 69 9.72 9.79 7.74
CA ILE B 69 8.92 10.30 6.63
C ILE B 69 9.49 11.61 6.11
N ILE B 70 9.69 11.66 4.79
CA ILE B 70 10.27 12.82 4.13
C ILE B 70 9.33 13.39 3.08
N PRO B 71 8.86 14.63 3.28
CA PRO B 71 8.05 15.29 2.25
C PRO B 71 8.94 15.60 1.07
N PHE B 72 8.46 15.39 -0.15
CA PHE B 72 9.37 15.38 -1.29
C PHE B 72 8.76 15.80 -2.63
N ARG B 73 9.52 16.59 -3.37
CA ARG B 73 9.23 16.91 -4.77
C ARG B 73 10.45 17.56 -5.41
N ASN B 74 11.04 16.89 -6.39
CA ASN B 74 12.24 17.35 -7.07
CA ASN B 74 12.24 17.37 -7.06
C ASN B 74 13.35 17.81 -6.12
N ARG B 75 13.73 16.93 -5.20
CA ARG B 75 14.81 17.21 -4.27
C ARG B 75 15.74 16.01 -4.24
N GLN B 76 15.92 15.39 -5.41
CA GLN B 76 16.69 14.15 -5.52
C GLN B 76 18.11 14.31 -4.99
N GLU B 77 18.76 15.42 -5.35
CA GLU B 77 20.13 15.68 -4.91
C GLU B 77 20.24 15.82 -3.39
N HIS B 78 19.28 16.51 -2.78
CA HIS B 78 19.23 16.62 -1.33
C HIS B 78 19.05 15.26 -0.68
N LEU B 79 18.21 14.42 -1.30
CA LEU B 79 17.92 13.08 -0.79
C LEU B 79 19.19 12.23 -0.74
N LYS B 80 20.04 12.37 -1.74
CA LYS B 80 21.27 11.60 -1.82
C LYS B 80 22.18 11.90 -0.62
N TYR B 81 22.30 13.18 -0.29
CA TYR B 81 23.07 13.63 0.87
C TYR B 81 22.44 13.16 2.18
N TRP B 82 21.11 13.13 2.21
CA TRP B 82 20.38 12.72 3.40
C TRP B 82 20.63 11.25 3.72
N LEU B 83 20.50 10.40 2.71
CA LEU B 83 20.72 8.97 2.87
C LEU B 83 22.17 8.68 3.21
N TYR B 84 23.08 9.40 2.56
CA TYR B 84 24.51 9.25 2.78
C TYR B 84 24.90 9.48 4.24
N TYR B 85 24.25 10.46 4.85
CA TYR B 85 24.57 10.82 6.24
C TYR B 85 23.71 10.09 7.26
N LEU B 86 22.40 10.05 7.04
CA LEU B 86 21.49 9.52 8.05
C LEU B 86 21.61 8.01 8.25
N HIS B 87 21.73 7.25 7.17
CA HIS B 87 21.81 5.79 7.28
C HIS B 87 22.89 5.25 8.24
N PRO B 88 24.13 5.79 8.18
CA PRO B 88 25.09 5.34 9.20
C PRO B 88 24.70 5.80 10.60
N ILE B 89 24.19 7.02 10.71
CA ILE B 89 23.78 7.59 11.99
C ILE B 89 22.66 6.79 12.64
N LEU B 90 21.64 6.46 11.86
CA LEU B 90 20.46 5.75 12.36
C LEU B 90 20.82 4.35 12.85
N GLN B 91 21.80 3.72 12.21
CA GLN B 91 22.27 2.40 12.62
C GLN B 91 23.06 2.47 13.92
N ARG B 92 23.89 3.51 14.05
CA ARG B 92 24.66 3.69 15.27
C ARG B 92 23.77 4.00 16.47
N GLN B 93 22.57 4.53 16.19
CA GLN B 93 21.61 4.81 17.24
C GLN B 93 20.79 3.57 17.59
N GLN B 94 21.11 2.46 16.94
CA GLN B 94 20.49 1.16 17.18
C GLN B 94 18.96 1.22 17.07
N LEU B 95 18.49 1.73 15.93
CA LEU B 95 17.06 1.90 15.69
C LEU B 95 16.54 0.88 14.69
N ASP B 96 15.35 0.35 14.98
CA ASP B 96 14.64 -0.48 14.02
C ASP B 96 13.82 0.45 13.14
N TYR B 97 14.38 0.86 12.01
CA TYR B 97 13.78 1.93 11.22
C TYR B 97 13.50 1.60 9.76
N GLY B 98 12.78 2.50 9.11
CA GLY B 98 12.49 2.40 7.69
C GLY B 98 12.35 3.78 7.10
N ILE B 99 12.81 3.94 5.86
CA ILE B 99 12.80 5.25 5.22
C ILE B 99 11.70 5.37 4.17
N TYR B 100 10.91 6.44 4.27
CA TYR B 100 9.80 6.66 3.34
C TYR B 100 9.86 8.06 2.74
N VAL B 101 9.95 8.10 1.42
CA VAL B 101 9.99 9.35 0.68
C VAL B 101 8.64 9.57 0.00
N ILE B 102 7.86 10.50 0.52
CA ILE B 102 6.52 10.75 0.00
C ILE B 102 6.56 11.84 -1.07
N ASN B 103 6.57 11.40 -2.33
CA ASN B 103 6.72 12.29 -3.47
C ASN B 103 5.39 12.84 -3.97
N GLN B 104 5.23 14.15 -3.90
CA GLN B 104 4.01 14.79 -4.38
C GLN B 104 3.98 14.87 -5.90
N ALA B 105 3.08 14.10 -6.51
CA ALA B 105 2.95 14.08 -7.96
C ALA B 105 2.33 15.39 -8.46
N GLY B 106 2.45 15.63 -9.75
CA GLY B 106 1.87 16.82 -10.35
C GLY B 106 2.66 18.08 -10.02
N GLU B 107 2.09 19.23 -10.40
CA GLU B 107 2.80 20.49 -10.24
C GLU B 107 1.93 21.57 -9.58
N SER B 108 0.95 21.13 -8.79
CA SER B 108 0.15 22.07 -8.01
C SER B 108 0.92 22.47 -6.77
N MET B 109 0.30 23.26 -5.89
CA MET B 109 0.98 23.80 -4.72
C MET B 109 1.42 22.69 -3.76
N PHE B 110 2.62 22.84 -3.22
CA PHE B 110 3.18 21.85 -2.29
C PHE B 110 2.44 21.86 -0.96
N ASN B 111 2.13 20.67 -0.44
CA ASN B 111 1.46 20.56 0.84
C ASN B 111 2.26 19.66 1.79
N ARG B 112 3.16 20.27 2.54
CA ARG B 112 4.11 19.54 3.37
C ARG B 112 3.42 18.65 4.40
N ALA B 113 2.49 19.22 5.15
CA ALA B 113 1.82 18.48 6.22
C ALA B 113 0.99 17.32 5.70
N LYS B 114 0.33 17.52 4.56
CA LYS B 114 -0.50 16.47 3.98
C LYS B 114 0.34 15.29 3.54
N LEU B 115 1.51 15.58 2.99
CA LEU B 115 2.48 14.55 2.62
C LEU B 115 2.92 13.76 3.86
N LEU B 116 3.10 14.47 4.96
CA LEU B 116 3.50 13.83 6.22
C LEU B 116 2.42 12.86 6.70
N ASN B 117 1.16 13.26 6.57
CA ASN B 117 0.04 12.39 6.91
C ASN B 117 0.05 11.12 6.06
N VAL B 118 0.26 11.27 4.76
CA VAL B 118 0.32 10.14 3.85
C VAL B 118 1.39 9.15 4.30
N GLY B 119 2.53 9.68 4.71
CA GLY B 119 3.64 8.85 5.17
C GLY B 119 3.30 8.04 6.40
N PHE B 120 2.51 8.62 7.30
CA PHE B 120 2.06 7.92 8.50
C PHE B 120 1.21 6.70 8.12
N LYS B 121 0.19 6.93 7.30
CA LYS B 121 -0.70 5.84 6.88
C LYS B 121 0.02 4.80 6.05
N GLU B 122 0.83 5.25 5.10
CA GLU B 122 1.49 4.34 4.16
C GLU B 122 2.54 3.46 4.83
N ALA B 123 3.27 4.02 5.79
CA ALA B 123 4.32 3.27 6.49
C ALA B 123 3.71 2.15 7.33
N LEU B 124 2.53 2.41 7.88
CA LEU B 124 1.86 1.43 8.75
C LEU B 124 1.33 0.22 7.97
N LYS B 125 1.28 0.35 6.65
CA LYS B 125 0.84 -0.75 5.80
C LYS B 125 2.01 -1.68 5.52
N ASP B 126 3.20 -1.25 5.95
CA ASP B 126 4.43 -1.99 5.72
C ASP B 126 4.87 -2.77 6.94
N TYR B 127 4.70 -2.17 8.11
CA TYR B 127 5.31 -2.65 9.34
C TYR B 127 4.59 -2.01 10.51
N ASP B 128 4.71 -2.62 11.69
CA ASP B 128 4.04 -2.09 12.87
C ASP B 128 4.87 -1.04 13.60
N TYR B 129 5.11 0.09 12.94
CA TYR B 129 5.84 1.21 13.54
C TYR B 129 5.08 1.77 14.74
N ASN B 130 5.84 2.28 15.70
CA ASN B 130 5.24 2.90 16.89
C ASN B 130 5.79 4.29 17.12
N CYS B 131 6.68 4.71 16.22
CA CYS B 131 7.34 6.00 16.31
C CYS B 131 7.51 6.58 14.92
N PHE B 132 7.21 7.86 14.76
CA PHE B 132 7.30 8.49 13.45
C PHE B 132 8.12 9.77 13.48
N VAL B 133 9.23 9.75 12.76
CA VAL B 133 10.08 10.93 12.63
C VAL B 133 9.80 11.60 11.30
N PHE B 134 9.42 12.87 11.35
CA PHE B 134 9.12 13.64 10.16
C PHE B 134 10.25 14.63 9.92
N SER B 135 10.95 14.46 8.80
CA SER B 135 12.12 15.29 8.52
C SER B 135 12.11 15.89 7.12
N ASP B 136 12.41 17.19 7.04
CA ASP B 136 12.67 17.83 5.76
C ASP B 136 13.87 17.12 5.11
N VAL B 137 13.88 17.09 3.78
CA VAL B 137 14.89 16.32 3.04
C VAL B 137 16.28 16.95 3.12
N ASP B 138 16.34 18.22 3.52
CA ASP B 138 17.59 18.97 3.50
C ASP B 138 18.18 19.22 4.88
N LEU B 139 17.83 18.37 5.84
CA LEU B 139 18.28 18.54 7.22
C LEU B 139 19.12 17.36 7.69
N ILE B 140 20.34 17.64 8.16
CA ILE B 140 21.25 16.61 8.63
C ILE B 140 21.73 16.91 10.04
N PRO B 141 21.57 15.95 10.97
CA PRO B 141 22.02 16.14 12.36
C PRO B 141 23.54 16.17 12.46
N MET B 142 24.08 17.07 13.27
CA MET B 142 25.52 17.20 13.43
C MET B 142 26.04 16.34 14.58
N ASN B 143 25.11 15.77 15.34
CA ASN B 143 25.47 15.03 16.54
C ASN B 143 24.58 13.81 16.72
N ASP B 144 25.17 12.62 16.71
CA ASP B 144 24.38 11.38 16.77
C ASP B 144 23.85 11.05 18.17
N HIS B 145 24.03 11.98 19.11
CA HIS B 145 23.38 11.86 20.41
C HIS B 145 21.95 12.36 20.30
N ASN B 146 21.70 13.19 19.30
CA ASN B 146 20.36 13.66 19.00
C ASN B 146 19.56 12.52 18.37
N THR B 147 19.06 11.63 19.21
CA THR B 147 18.46 10.38 18.75
C THR B 147 17.17 10.59 17.97
N TYR B 148 17.09 9.97 16.80
CA TYR B 148 15.89 10.00 15.97
C TYR B 148 14.88 8.96 16.44
N ARG B 149 14.37 9.13 17.65
CA ARG B 149 13.35 8.25 18.20
C ARG B 149 12.24 9.08 18.84
N CYS B 150 11.25 8.41 19.41
CA CYS B 150 10.16 9.08 20.09
C CYS B 150 10.39 9.09 21.60
N PHE B 151 9.75 10.03 22.28
CA PHE B 151 9.94 10.21 23.71
C PHE B 151 8.59 10.26 24.42
N SER B 152 8.61 10.61 25.71
CA SER B 152 7.38 10.72 26.49
C SER B 152 6.51 11.88 26.00
N GLN B 153 7.16 12.89 25.43
CA GLN B 153 6.46 14.02 24.85
C GLN B 153 6.88 14.14 23.38
N PRO B 154 6.05 14.82 22.57
CA PRO B 154 6.42 15.11 21.18
C PRO B 154 7.81 15.76 21.11
N ARG B 155 8.66 15.25 20.23
CA ARG B 155 10.07 15.63 20.21
C ARG B 155 10.42 16.55 19.04
N HIS B 156 10.93 17.74 19.36
CA HIS B 156 11.50 18.61 18.34
C HIS B 156 12.98 18.28 18.21
N ILE B 157 13.35 17.68 17.09
CA ILE B 157 14.70 17.13 16.92
C ILE B 157 15.73 18.14 16.41
N SER B 158 15.34 18.94 15.41
CA SER B 158 16.26 19.92 14.84
C SER B 158 16.14 21.28 15.53
N VAL B 159 16.77 21.41 16.68
CA VAL B 159 16.58 22.60 17.52
C VAL B 159 17.55 23.74 17.21
N ALA B 160 18.72 23.41 16.65
CA ALA B 160 19.73 24.41 16.36
C ALA B 160 20.27 24.29 14.94
N MET B 161 19.44 24.61 13.96
CA MET B 161 19.84 24.53 12.56
C MET B 161 20.71 25.72 12.18
N ASP B 162 21.68 25.49 11.30
CA ASP B 162 22.50 26.59 10.80
C ASP B 162 21.67 27.52 9.92
N LYS B 163 20.55 26.99 9.42
CA LYS B 163 19.60 27.79 8.66
C LYS B 163 19.08 28.94 9.52
N PHE B 164 19.11 28.75 10.84
CA PHE B 164 18.72 29.79 11.76
C PHE B 164 19.90 30.24 12.63
N GLY B 165 21.11 29.98 12.15
CA GLY B 165 22.33 30.37 12.85
C GLY B 165 22.43 29.77 14.23
N PHE B 166 22.10 28.47 14.34
CA PHE B 166 22.14 27.73 15.60
C PHE B 166 21.13 28.22 16.64
N SER B 167 20.15 28.98 16.20
CA SER B 167 19.14 29.52 17.10
C SER B 167 17.77 28.91 16.85
N LEU B 168 16.95 28.85 17.90
CA LEU B 168 15.55 28.51 17.76
C LEU B 168 14.79 29.78 17.42
N PRO B 169 14.07 29.77 16.27
CA PRO B 169 13.27 30.92 15.81
C PRO B 169 12.36 31.44 16.92
N TYR B 170 11.64 30.53 17.56
CA TYR B 170 10.84 30.85 18.73
C TYR B 170 10.61 29.57 19.54
N VAL B 171 10.22 29.72 20.79
CA VAL B 171 10.12 28.58 21.70
C VAL B 171 9.03 27.59 21.26
N GLN B 172 8.09 28.05 20.45
CA GLN B 172 7.02 27.19 19.95
C GLN B 172 7.34 26.60 18.57
N TYR B 173 8.54 26.85 18.08
CA TYR B 173 8.91 26.39 16.74
C TYR B 173 8.99 24.86 16.66
N PHE B 174 8.28 24.30 15.68
CA PHE B 174 8.18 22.86 15.55
C PHE B 174 8.40 22.44 14.10
N GLY B 175 9.23 23.18 13.39
CA GLY B 175 9.50 22.89 12.00
C GLY B 175 10.80 22.13 11.79
N GLY B 176 10.95 21.55 10.60
CA GLY B 176 12.18 20.87 10.24
C GLY B 176 12.14 19.37 10.47
N VAL B 177 12.66 18.96 11.62
CA VAL B 177 12.67 17.55 12.00
C VAL B 177 11.98 17.36 13.35
N SER B 178 11.02 16.45 13.40
CA SER B 178 10.26 16.20 14.62
C SER B 178 9.89 14.73 14.75
N ALA B 179 9.50 14.33 15.96
CA ALA B 179 9.12 12.96 16.22
C ALA B 179 7.88 12.86 17.11
N LEU B 180 6.93 12.03 16.70
CA LEU B 180 5.74 11.74 17.49
C LEU B 180 5.54 10.24 17.53
N SER B 181 5.21 9.70 18.70
CA SER B 181 4.86 8.30 18.80
C SER B 181 3.52 8.09 18.11
N LYS B 182 3.19 6.83 17.81
CA LYS B 182 1.94 6.51 17.15
C LYS B 182 0.75 7.07 17.92
N GLN B 183 0.78 6.93 19.25
CA GLN B 183 -0.32 7.41 20.08
C GLN B 183 -0.37 8.92 20.16
N GLN B 184 0.79 9.57 20.13
CA GLN B 184 0.85 11.02 20.15
C GLN B 184 0.29 11.61 18.85
N PHE B 185 0.62 10.97 17.74
CA PHE B 185 0.13 11.39 16.43
C PHE B 185 -1.38 11.24 16.32
N LEU B 186 -1.90 10.05 16.66
CA LEU B 186 -3.33 9.79 16.64
C LEU B 186 -4.08 10.74 17.56
N SER B 187 -3.46 11.08 18.68
CA SER B 187 -4.05 11.95 19.70
C SER B 187 -4.48 13.31 19.16
N ILE B 188 -3.74 13.84 18.20
CA ILE B 188 -4.04 15.16 17.65
C ILE B 188 -4.72 15.08 16.29
N ASN B 189 -5.26 13.91 15.95
CA ASN B 189 -5.84 13.66 14.63
C ASN B 189 -4.80 13.87 13.53
N GLY B 190 -3.54 13.60 13.86
CA GLY B 190 -2.44 13.79 12.94
C GLY B 190 -2.21 15.26 12.61
N PHE B 191 -1.74 15.51 11.39
CA PHE B 191 -1.42 16.86 10.94
C PHE B 191 -2.53 17.39 10.05
N PRO B 192 -2.62 18.72 9.87
CA PRO B 192 -3.66 19.27 9.00
C PRO B 192 -3.38 18.98 7.53
N ASN B 193 -4.41 18.97 6.71
CA ASN B 193 -4.26 18.77 5.27
C ASN B 193 -4.60 20.03 4.48
N ASN B 194 -5.05 21.07 5.18
CA ASN B 194 -5.54 22.28 4.51
C ASN B 194 -4.54 23.43 4.45
N TYR B 195 -3.26 23.12 4.63
CA TYR B 195 -2.21 24.13 4.49
C TYR B 195 -1.46 23.94 3.17
N TRP B 196 -1.92 24.62 2.13
CA TRP B 196 -1.28 24.57 0.84
C TRP B 196 -0.30 25.74 0.70
N GLY B 197 0.92 25.44 0.29
CA GLY B 197 1.95 26.46 0.18
C GLY B 197 2.71 26.59 1.49
N TRP B 198 3.78 27.36 1.46
CA TRP B 198 4.69 27.48 2.61
C TRP B 198 4.07 28.23 3.79
N GLY B 199 4.40 27.76 5.00
CA GLY B 199 4.11 28.50 6.21
C GLY B 199 2.89 28.07 7.01
N GLY B 200 3.05 28.07 8.33
CA GLY B 200 1.93 27.85 9.24
C GLY B 200 1.67 26.41 9.65
N GLU B 201 1.93 25.47 8.76
CA GLU B 201 1.60 24.06 9.02
C GLU B 201 2.35 23.52 10.24
N ASP B 202 3.54 24.04 10.48
CA ASP B 202 4.33 23.62 11.63
C ASP B 202 3.79 24.24 12.93
N ASP B 203 3.33 25.49 12.85
CA ASP B 203 2.72 26.16 13.98
C ASP B 203 1.41 25.48 14.37
N ASP B 204 0.62 25.12 13.37
CA ASP B 204 -0.65 24.44 13.58
C ASP B 204 -0.45 23.13 14.34
N ILE B 205 0.58 22.38 13.94
CA ILE B 205 0.93 21.14 14.60
C ILE B 205 1.26 21.37 16.08
N TYR B 206 2.04 22.41 16.35
CA TYR B 206 2.36 22.78 17.72
C TYR B 206 1.09 23.08 18.52
N ASN B 207 0.20 23.87 17.93
CA ASN B 207 -1.07 24.21 18.56
C ASN B 207 -1.85 22.95 18.90
N ARG B 208 -1.82 21.97 17.99
CA ARG B 208 -2.48 20.70 18.20
C ARG B 208 -1.89 19.96 19.41
N LEU B 209 -0.58 20.05 19.58
CA LEU B 209 0.09 19.43 20.72
C LEU B 209 -0.42 20.05 22.02
N ALA B 210 -0.48 21.38 22.04
CA ALA B 210 -0.93 22.11 23.23
C ALA B 210 -2.39 21.83 23.56
N PHE B 211 -3.23 21.71 22.53
CA PHE B 211 -4.66 21.47 22.73
C PHE B 211 -4.94 20.09 23.30
N ARG B 212 -3.98 19.18 23.14
CA ARG B 212 -4.10 17.84 23.71
C ARG B 212 -3.39 17.76 25.05
N GLY B 213 -2.87 18.89 25.52
CA GLY B 213 -2.19 18.94 26.80
C GLY B 213 -0.82 18.28 26.78
N MET B 214 -0.21 18.25 25.61
CA MET B 214 1.15 17.74 25.47
C MET B 214 2.13 18.90 25.41
N SER B 215 3.38 18.63 25.79
CA SER B 215 4.43 19.63 25.71
C SER B 215 5.44 19.22 24.64
N VAL B 216 6.51 19.99 24.48
CA VAL B 216 7.52 19.69 23.49
C VAL B 216 8.85 19.35 24.15
N SER B 217 9.38 18.18 23.82
CA SER B 217 10.69 17.76 24.31
C SER B 217 11.79 18.13 23.32
N ARG B 218 12.94 18.56 23.84
CA ARG B 218 14.05 18.94 23.00
C ARG B 218 15.37 18.49 23.60
N PRO B 219 16.34 18.14 22.74
CA PRO B 219 17.72 17.97 23.19
C PRO B 219 18.31 19.36 23.38
N ASN B 220 19.46 19.47 24.04
CA ASN B 220 20.11 20.77 24.18
C ASN B 220 20.57 21.27 22.81
N ALA B 221 20.81 22.57 22.71
CA ALA B 221 21.18 23.19 21.44
C ALA B 221 22.46 22.61 20.83
N VAL B 222 23.40 22.21 21.68
CA VAL B 222 24.68 21.68 21.21
C VAL B 222 24.50 20.34 20.51
N ILE B 223 23.81 19.43 21.19
CA ILE B 223 23.51 18.11 20.63
C ILE B 223 22.53 18.24 19.47
N GLY B 224 21.68 19.26 19.54
CA GLY B 224 20.63 19.45 18.56
C GLY B 224 21.02 20.27 17.34
N LYS B 225 22.32 20.46 17.12
CA LYS B 225 22.80 21.18 15.95
C LYS B 225 22.56 20.36 14.69
N THR B 226 22.02 21.00 13.65
CA THR B 226 21.79 20.31 12.38
C THR B 226 22.16 21.18 11.17
N ARG B 227 22.70 20.56 10.14
CA ARG B 227 23.06 21.27 8.90
C ARG B 227 21.88 21.32 7.94
N HIS B 228 21.63 22.50 7.38
CA HIS B 228 20.61 22.65 6.35
C HIS B 228 21.26 22.89 5.00
N ILE B 229 20.97 22.02 4.03
CA ILE B 229 21.51 22.18 2.69
C ILE B 229 20.96 23.44 2.04
N ARG B 230 21.81 24.45 1.86
CA ARG B 230 21.40 25.71 1.26
C ARG B 230 20.82 25.48 -0.13
N HIS B 231 19.69 26.12 -0.41
CA HIS B 231 18.99 25.93 -1.67
C HIS B 231 18.11 27.13 -1.98
N SER B 232 17.87 27.36 -3.27
CA SER B 232 17.00 28.46 -3.69
C SER B 232 15.53 28.09 -3.46
N ARG B 233 14.64 29.05 -3.69
CA ARG B 233 13.22 28.85 -3.50
C ARG B 233 12.67 27.84 -4.51
N ASP B 234 11.82 26.92 -4.03
CA ASP B 234 11.16 25.96 -4.91
C ASP B 234 9.97 26.59 -5.61
N LYS B 235 9.70 26.14 -6.83
CA LYS B 235 8.50 26.54 -7.55
C LYS B 235 7.26 25.91 -6.89
N LYS B 236 6.13 26.59 -7.00
CA LYS B 236 4.84 26.10 -6.49
C LYS B 236 4.85 25.80 -4.99
N ASN B 237 5.53 26.64 -4.23
CA ASN B 237 5.47 26.57 -2.77
C ASN B 237 5.49 27.97 -2.19
N GLU B 238 4.72 28.86 -2.80
CA GLU B 238 4.65 30.25 -2.36
C GLU B 238 3.92 30.36 -1.02
N PRO B 239 4.33 31.34 -0.20
CA PRO B 239 3.73 31.58 1.11
C PRO B 239 2.21 31.71 1.04
N ASN B 240 1.52 30.90 1.83
CA ASN B 240 0.06 30.92 1.90
C ASN B 240 -0.41 32.14 2.70
N PRO B 241 -1.17 33.03 2.04
CA PRO B 241 -1.70 34.23 2.70
C PRO B 241 -2.74 33.87 3.77
N GLN B 242 -3.26 32.65 3.72
CA GLN B 242 -4.29 32.21 4.66
C GLN B 242 -3.71 31.63 5.94
N ARG B 243 -2.39 31.43 5.98
CA ARG B 243 -1.77 30.68 7.07
C ARG B 243 -1.97 31.33 8.44
N PHE B 244 -2.01 32.66 8.48
CA PHE B 244 -2.15 33.36 9.74
C PHE B 244 -3.54 33.15 10.35
N ASP B 245 -4.57 33.18 9.51
CA ASP B 245 -5.92 32.97 9.98
C ASP B 245 -6.16 31.51 10.34
N ARG B 246 -5.47 30.61 9.66
CA ARG B 246 -5.64 29.18 9.89
C ARG B 246 -5.07 28.71 11.24
N ILE B 247 -3.88 29.19 11.58
CA ILE B 247 -3.24 28.79 12.84
C ILE B 247 -3.97 29.34 14.06
N ALA B 248 -4.77 30.38 13.85
CA ALA B 248 -5.56 30.97 14.94
C ALA B 248 -6.84 30.17 15.19
N HIS B 249 -7.19 29.30 14.25
CA HIS B 249 -8.41 28.50 14.36
C HIS B 249 -8.13 27.01 14.43
N THR B 250 -6.93 26.64 14.88
CA THR B 250 -6.56 25.24 15.02
C THR B 250 -7.52 24.52 15.96
N LYS B 251 -7.99 25.24 16.98
CA LYS B 251 -8.90 24.68 17.96
C LYS B 251 -10.18 24.16 17.30
N GLU B 252 -10.68 24.91 16.33
CA GLU B 252 -11.95 24.58 15.68
C GLU B 252 -11.81 23.58 14.54
N THR B 253 -10.62 23.47 13.97
CA THR B 253 -10.45 22.69 12.74
C THR B 253 -9.77 21.33 12.92
N MET B 254 -9.00 21.17 13.99
CA MET B 254 -8.15 19.98 14.11
C MET B 254 -8.93 18.66 14.24
N LEU B 255 -10.20 18.75 14.60
CA LEU B 255 -11.03 17.56 14.72
C LEU B 255 -11.47 17.03 13.35
N SER B 256 -11.83 17.95 12.46
CA SER B 256 -12.31 17.57 11.13
C SER B 256 -11.22 17.60 10.06
N ASP B 257 -10.10 18.26 10.36
CA ASP B 257 -8.99 18.32 9.43
C ASP B 257 -7.77 17.59 9.99
N GLY B 258 -7.46 16.45 9.38
CA GLY B 258 -6.33 15.66 9.83
C GLY B 258 -6.33 14.26 9.26
N LEU B 259 -5.91 13.30 10.08
CA LEU B 259 -5.81 11.90 9.65
C LEU B 259 -7.15 11.34 9.20
N ASN B 260 -8.20 11.64 9.95
CA ASN B 260 -9.53 11.10 9.67
C ASN B 260 -10.13 11.61 8.36
N SER B 261 -9.67 12.77 7.91
CA SER B 261 -10.20 13.36 6.68
C SER B 261 -9.23 13.25 5.51
N LEU B 262 -8.06 12.67 5.77
CA LEU B 262 -7.02 12.52 4.75
C LEU B 262 -7.50 11.74 3.54
N THR B 263 -7.48 12.38 2.37
CA THR B 263 -7.76 11.70 1.11
C THR B 263 -6.62 11.92 0.14
N TYR B 264 -6.20 10.85 -0.52
CA TYR B 264 -5.08 10.92 -1.45
C TYR B 264 -5.11 9.71 -2.37
N MET B 265 -4.27 9.74 -3.40
CA MET B 265 -4.20 8.64 -4.35
C MET B 265 -2.75 8.22 -4.58
N VAL B 266 -2.38 7.05 -4.08
CA VAL B 266 -1.07 6.50 -4.35
C VAL B 266 -0.99 6.16 -5.84
N LEU B 267 -0.05 6.78 -6.55
CA LEU B 267 0.11 6.50 -7.96
C LEU B 267 1.13 5.39 -8.19
N GLU B 268 2.13 5.33 -7.32
CA GLU B 268 3.25 4.42 -7.52
C GLU B 268 4.02 4.18 -6.23
N VAL B 269 4.37 2.92 -5.97
CA VAL B 269 5.27 2.59 -4.87
C VAL B 269 6.52 1.92 -5.40
N GLN B 270 7.67 2.52 -5.12
CA GLN B 270 8.95 2.00 -5.58
C GLN B 270 9.84 1.64 -4.40
N ARG B 271 10.42 0.45 -4.44
CA ARG B 271 11.35 0.01 -3.40
C ARG B 271 12.79 0.17 -3.86
N TYR B 272 13.40 1.29 -3.50
CA TYR B 272 14.82 1.49 -3.72
C TYR B 272 15.57 0.83 -2.58
N PRO B 273 16.87 0.50 -2.79
CA PRO B 273 17.66 -0.15 -1.73
C PRO B 273 17.74 0.68 -0.46
N LEU B 274 17.71 2.01 -0.59
CA LEU B 274 17.93 2.90 0.54
C LEU B 274 16.67 3.55 1.08
N TYR B 275 15.56 3.40 0.34
CA TYR B 275 14.31 4.04 0.75
C TYR B 275 13.11 3.56 -0.06
N THR B 276 11.93 3.66 0.53
CA THR B 276 10.69 3.42 -0.19
C THR B 276 10.14 4.75 -0.68
N LYS B 277 10.01 4.90 -2.00
CA LYS B 277 9.46 6.11 -2.58
C LYS B 277 7.98 5.91 -2.93
N ILE B 278 7.14 6.76 -2.38
CA ILE B 278 5.70 6.67 -2.61
C ILE B 278 5.19 7.93 -3.29
N THR B 279 4.90 7.81 -4.59
CA THR B 279 4.40 8.94 -5.36
C THR B 279 2.88 9.03 -5.25
N VAL B 280 2.39 10.16 -4.76
CA VAL B 280 0.97 10.30 -4.48
C VAL B 280 0.33 11.53 -5.10
N ASP B 281 -0.95 11.40 -5.43
CA ASP B 281 -1.77 12.53 -5.84
C ASP B 281 -2.57 12.97 -4.62
N ILE B 282 -2.27 14.16 -4.11
CA ILE B 282 -2.93 14.65 -2.90
C ILE B 282 -3.92 15.78 -3.18
N GLY B 283 -4.25 15.98 -4.46
CA GLY B 283 -5.25 16.96 -4.83
C GLY B 283 -4.73 18.38 -4.99
N THR B 284 -5.64 19.35 -4.85
CA THR B 284 -5.34 20.75 -5.12
C THR B 284 -5.98 21.67 -4.07
N PRO B 285 -5.43 22.89 -3.90
CA PRO B 285 -5.98 23.89 -2.98
C PRO B 285 -7.44 24.23 -3.28
N SER B 286 -8.36 23.67 -2.50
CA SER B 286 -9.78 23.97 -2.62
C SER B 286 -10.54 23.42 -1.42
#